data_6Z9H
#
_entry.id   6Z9H
#
_cell.length_a   61.750
_cell.length_b   53.870
_cell.length_c   80.530
_cell.angle_alpha   90.000
_cell.angle_beta   110.680
_cell.angle_gamma   90.000
#
_symmetry.space_group_name_H-M   'P 1 21 1'
#
loop_
_entity.id
_entity.type
_entity.pdbx_description
1 polymer 'Deoxyribose-phosphate aldolase'
2 non-polymer 1,2-ETHANEDIOL
3 non-polymer 'FORMIC ACID'
4 non-polymer 'MAGNESIUM ION'
5 water water
#
_entity_poly.entity_id   1
_entity_poly.type   'polypeptide(L)'
_entity_poly.pdbx_seq_one_letter_code
;MAHHHHHHTDLKASSLRALKLMDLTTLNDDDTDEKVIALCHQAKTPVGNTAAIVIYPRFIPIARKTLKEQGTPEIRIATV
TNFPHGNDDIDIALAETRAAIAYGADEVDVVFPYRALMAGNEQVGFDLVKACKEACAAANVLLKVIIETGELKDEALIRK
ASEISIKAGADFIKTSTGKVAVNATPESARIMMEVIRDMGVEKTVGFKPAAGVRTAEDAQKYLAIADELFGADWADARHY
RFGASDLLASLLKALGHGDGKSASSY
;
_entity_poly.pdbx_strand_id   A,B
#
loop_
_chem_comp.id
_chem_comp.type
_chem_comp.name
_chem_comp.formula
EDO non-polymer 1,2-ETHANEDIOL 'C2 H6 O2'
FMT non-polymer 'FORMIC ACID' 'C H2 O2'
MG non-polymer 'MAGNESIUM ION' 'Mg 2'
#
# COMPACT_ATOMS: atom_id res chain seq x y z
N ASP A 10 26.37 -6.92 32.19
CA ASP A 10 25.10 -6.21 32.02
C ASP A 10 24.68 -6.21 30.56
N LEU A 11 25.67 -6.41 29.68
CA LEU A 11 25.42 -6.32 28.24
C LEU A 11 24.43 -7.38 27.79
N LYS A 12 24.53 -8.59 28.34
CA LYS A 12 23.61 -9.65 27.95
C LYS A 12 22.19 -9.29 28.34
N ALA A 13 22.00 -8.83 29.58
CA ALA A 13 20.67 -8.45 30.04
C ALA A 13 20.12 -7.30 29.22
N SER A 14 20.98 -6.32 28.92
CA SER A 14 20.60 -5.22 28.03
C SER A 14 20.16 -5.72 26.67
N SER A 15 20.88 -6.71 26.13
CA SER A 15 20.57 -7.18 24.79
C SER A 15 19.21 -7.85 24.73
N LEU A 16 18.89 -8.70 25.72
CA LEU A 16 17.55 -9.30 25.71
C LEU A 16 16.47 -8.24 25.88
N ARG A 17 16.70 -7.28 26.77
CA ARG A 17 15.73 -6.21 26.94
C ARG A 17 15.49 -5.48 25.61
N ALA A 18 16.57 -5.15 24.90
CA ALA A 18 16.45 -4.46 23.61
C ALA A 18 15.75 -5.33 22.58
N LEU A 19 16.05 -6.64 22.58
CA LEU A 19 15.36 -7.54 21.65
C LEU A 19 13.86 -7.51 21.86
N LYS A 20 13.41 -7.56 23.11
CA LYS A 20 11.99 -7.57 23.38
C LYS A 20 11.33 -6.22 23.16
N LEU A 21 12.10 -5.16 22.94
CA LEU A 21 11.62 -3.86 22.55
C LEU A 21 11.82 -3.56 21.07
N MET A 22 12.23 -4.53 20.26
N MET A 22 12.23 -4.53 20.26
CA MET A 22 12.59 -4.18 18.89
CA MET A 22 12.57 -4.22 18.87
C MET A 22 11.36 -4.03 18.01
C MET A 22 11.33 -4.03 18.01
N ASP A 23 11.38 -3.00 17.17
CA ASP A 23 10.49 -2.87 16.01
C ASP A 23 11.34 -3.39 14.84
N LEU A 24 11.24 -4.70 14.58
CA LEU A 24 12.10 -5.33 13.58
C LEU A 24 11.62 -4.93 12.19
N THR A 25 12.53 -4.33 11.41
CA THR A 25 12.11 -3.53 10.28
C THR A 25 12.62 -4.10 8.96
N THR A 26 11.74 -4.09 7.95
CA THR A 26 12.17 -4.15 6.55
C THR A 26 11.37 -3.14 5.76
N LEU A 27 12.07 -2.19 5.15
CA LEU A 27 11.42 -1.13 4.38
C LEU A 27 12.28 -0.89 3.14
N ASN A 28 12.32 -1.86 2.23
CA ASN A 28 13.18 -1.76 1.06
C ASN A 28 12.34 -1.70 -0.20
N ASP A 29 12.90 -1.03 -1.23
CA ASP A 29 12.21 -0.94 -2.52
C ASP A 29 11.96 -2.32 -3.12
N ASP A 30 12.82 -3.30 -2.84
CA ASP A 30 12.67 -4.64 -3.39
C ASP A 30 12.00 -5.61 -2.41
N ASP A 31 11.30 -5.10 -1.41
CA ASP A 31 10.57 -5.97 -0.50
C ASP A 31 9.52 -6.80 -1.25
N THR A 32 9.32 -8.03 -0.79
CA THR A 32 8.31 -8.94 -1.33
C THR A 32 7.56 -9.60 -0.18
N ASP A 33 6.45 -10.28 -0.52
CA ASP A 33 5.76 -11.12 0.47
C ASP A 33 6.71 -12.12 1.13
N GLU A 34 7.60 -12.74 0.33
CA GLU A 34 8.51 -13.74 0.89
C GLU A 34 9.50 -13.10 1.87
N LYS A 35 9.97 -11.90 1.56
CA LYS A 35 10.88 -11.22 2.48
C LYS A 35 10.19 -10.83 3.78
N VAL A 36 8.91 -10.48 3.73
CA VAL A 36 8.16 -10.15 4.94
C VAL A 36 7.87 -11.41 5.74
N ILE A 37 7.62 -12.53 5.06
CA ILE A 37 7.33 -13.75 5.79
C ILE A 37 8.59 -14.19 6.53
N ALA A 38 9.75 -14.07 5.86
CA ALA A 38 11.03 -14.34 6.51
C ALA A 38 11.25 -13.43 7.70
N LEU A 39 10.90 -12.14 7.57
CA LEU A 39 11.00 -11.21 8.69
C LEU A 39 10.15 -11.66 9.87
N CYS A 40 8.90 -12.06 9.62
CA CYS A 40 8.05 -12.55 10.70
C CYS A 40 8.71 -13.73 11.41
N HIS A 41 9.35 -14.64 10.65
CA HIS A 41 10.06 -15.76 11.27
C HIS A 41 11.24 -15.27 12.10
N GLN A 42 11.96 -14.25 11.62
CA GLN A 42 13.07 -13.70 12.39
CA GLN A 42 13.07 -13.70 12.39
C GLN A 42 12.59 -13.07 13.69
N ALA A 43 11.38 -12.50 13.70
CA ALA A 43 10.86 -11.84 14.89
C ALA A 43 10.60 -12.81 16.03
N LYS A 44 10.45 -14.11 15.72
CA LYS A 44 10.26 -15.17 16.71
C LYS A 44 11.63 -15.78 16.96
N THR A 45 12.36 -15.22 17.92
CA THR A 45 13.74 -15.65 18.11
C THR A 45 13.81 -16.74 19.17
N PRO A 46 14.93 -17.46 19.25
CA PRO A 46 15.04 -18.52 20.26
C PRO A 46 14.96 -18.02 21.69
N VAL A 47 15.13 -16.73 21.96
CA VAL A 47 15.12 -16.19 23.33
C VAL A 47 13.90 -15.33 23.62
N GLY A 48 12.95 -15.22 22.69
CA GLY A 48 11.73 -14.45 22.89
C GLY A 48 11.38 -13.66 21.64
N ASN A 49 10.26 -12.97 21.67
CA ASN A 49 9.75 -12.29 20.49
C ASN A 49 10.10 -10.81 20.52
N THR A 50 10.33 -10.24 19.35
CA THR A 50 10.42 -8.80 19.31
C THR A 50 9.05 -8.18 19.64
N ALA A 51 9.06 -6.86 19.90
CA ALA A 51 7.80 -6.19 20.23
C ALA A 51 6.90 -6.10 19.01
N ALA A 52 7.51 -5.92 17.84
CA ALA A 52 6.75 -5.61 16.63
C ALA A 52 7.61 -5.89 15.42
N ILE A 53 6.96 -5.81 14.27
CA ILE A 53 7.64 -5.70 12.99
C ILE A 53 7.19 -4.39 12.36
N VAL A 54 8.00 -3.86 11.46
CA VAL A 54 7.69 -2.64 10.73
C VAL A 54 7.85 -2.91 9.24
N ILE A 55 6.77 -2.69 8.48
CA ILE A 55 6.72 -3.07 7.07
C ILE A 55 5.88 -2.03 6.34
N TYR A 56 6.01 -2.00 5.02
CA TYR A 56 5.12 -1.16 4.23
C TYR A 56 3.68 -1.66 4.33
N PRO A 57 2.70 -0.76 4.20
CA PRO A 57 1.31 -1.11 4.51
C PRO A 57 0.77 -2.29 3.69
N ARG A 58 1.24 -2.45 2.45
CA ARG A 58 0.71 -3.51 1.58
C ARG A 58 1.04 -4.91 2.09
N PHE A 59 2.00 -5.04 2.99
CA PHE A 59 2.38 -6.35 3.48
C PHE A 59 1.71 -6.70 4.80
N ILE A 60 0.86 -5.80 5.35
CA ILE A 60 0.24 -6.08 6.65
C ILE A 60 -0.62 -7.35 6.62
N PRO A 61 -1.53 -7.56 5.65
CA PRO A 61 -2.39 -8.76 5.74
C PRO A 61 -1.61 -10.09 5.72
N ILE A 62 -0.59 -10.23 4.88
CA ILE A 62 0.13 -11.49 4.86
C ILE A 62 0.99 -11.62 6.11
N ALA A 63 1.52 -10.49 6.63
CA ALA A 63 2.28 -10.55 7.88
C ALA A 63 1.40 -11.00 9.03
N ARG A 64 0.15 -10.53 9.07
CA ARG A 64 -0.75 -10.91 10.16
C ARG A 64 -0.97 -12.43 10.16
N LYS A 65 -1.26 -12.98 8.99
CA LYS A 65 -1.47 -14.43 8.88
C LYS A 65 -0.20 -15.20 9.24
N THR A 66 0.96 -14.73 8.79
CA THR A 66 2.22 -15.41 9.13
C THR A 66 2.47 -15.40 10.63
N LEU A 67 2.28 -14.25 11.27
CA LEU A 67 2.49 -14.17 12.72
C LEU A 67 1.50 -15.07 13.45
N LYS A 68 0.25 -15.12 12.96
CA LYS A 68 -0.76 -15.97 13.61
C LYS A 68 -0.42 -17.44 13.46
N GLU A 69 0.00 -17.85 12.27
CA GLU A 69 0.22 -19.26 12.02
C GLU A 69 1.46 -19.78 12.71
N GLN A 70 2.43 -18.91 13.05
CA GLN A 70 3.61 -19.33 13.80
C GLN A 70 3.44 -19.20 15.30
N GLY A 71 2.24 -18.84 15.75
CA GLY A 71 1.94 -18.79 17.16
C GLY A 71 2.43 -17.56 17.88
N THR A 72 2.63 -16.45 17.17
CA THR A 72 3.02 -15.18 17.80
C THR A 72 2.11 -14.04 17.37
N PRO A 73 0.79 -14.17 17.60
CA PRO A 73 -0.10 -13.06 17.27
C PRO A 73 0.13 -11.83 18.14
N GLU A 74 0.92 -11.94 19.21
CA GLU A 74 1.15 -10.78 20.05
C GLU A 74 2.29 -9.91 19.54
N ILE A 75 3.02 -10.34 18.52
CA ILE A 75 3.97 -9.44 17.86
C ILE A 75 3.16 -8.42 17.07
N ARG A 76 3.36 -7.12 17.36
CA ARG A 76 2.53 -6.08 16.78
C ARG A 76 2.98 -5.77 15.34
N ILE A 77 2.04 -5.32 14.51
CA ILE A 77 2.39 -4.90 13.15
C ILE A 77 2.36 -3.38 13.07
N ALA A 78 3.54 -2.79 12.91
CA ALA A 78 3.65 -1.36 12.66
C ALA A 78 3.96 -1.09 11.19
N THR A 79 3.62 0.12 10.74
CA THR A 79 3.85 0.52 9.35
C THR A 79 4.16 2.01 9.33
N VAL A 80 4.39 2.52 8.12
CA VAL A 80 4.82 3.89 7.91
C VAL A 80 3.86 4.58 6.95
N THR A 81 3.61 5.87 7.20
CA THR A 81 2.81 6.68 6.30
C THR A 81 3.40 8.09 6.20
N ASN A 82 2.92 8.85 5.21
CA ASN A 82 3.58 10.11 4.82
C ASN A 82 5.10 9.91 4.65
N PHE A 83 5.49 8.79 4.08
CA PHE A 83 6.84 8.24 4.23
C PHE A 83 7.51 8.05 2.87
N PRO A 84 8.83 8.37 2.74
CA PRO A 84 9.69 8.85 3.82
C PRO A 84 9.77 10.37 3.86
N HIS A 85 9.03 11.02 2.94
CA HIS A 85 9.25 12.42 2.61
C HIS A 85 8.84 13.36 3.73
N GLY A 86 7.79 13.01 4.48
CA GLY A 86 7.23 13.99 5.42
C GLY A 86 6.70 15.23 4.73
N ASN A 87 6.01 15.06 3.60
CA ASN A 87 5.42 16.23 2.94
C ASN A 87 4.34 16.84 3.84
N ASP A 88 3.91 18.06 3.49
CA ASP A 88 2.96 18.79 4.32
C ASP A 88 1.53 18.71 3.80
N ASP A 89 1.19 17.69 3.01
CA ASP A 89 -0.17 17.54 2.50
C ASP A 89 -0.93 16.65 3.47
N ILE A 90 -1.78 17.25 4.31
CA ILE A 90 -2.49 16.47 5.34
C ILE A 90 -3.43 15.46 4.69
N ASP A 91 -4.12 15.87 3.61
CA ASP A 91 -5.07 14.96 2.96
C ASP A 91 -4.38 13.68 2.52
N ILE A 92 -3.15 13.79 2.03
CA ILE A 92 -2.43 12.61 1.60
C ILE A 92 -1.98 11.80 2.81
N ALA A 93 -1.43 12.47 3.83
CA ALA A 93 -1.00 11.76 5.02
C ALA A 93 -2.16 11.03 5.68
N LEU A 94 -3.32 11.69 5.73
CA LEU A 94 -4.48 11.08 6.38
C LEU A 94 -5.01 9.90 5.57
N ALA A 95 -5.03 10.04 4.25
CA ALA A 95 -5.51 8.94 3.41
C ALA A 95 -4.62 7.72 3.55
N GLU A 96 -3.29 7.91 3.55
CA GLU A 96 -2.38 6.79 3.76
C GLU A 96 -2.61 6.17 5.14
N THR A 97 -2.80 7.00 6.16
CA THR A 97 -3.02 6.48 7.51
C THR A 97 -4.31 5.68 7.58
N ARG A 98 -5.38 6.17 6.95
CA ARG A 98 -6.62 5.41 6.91
C ARG A 98 -6.44 4.09 6.18
N ALA A 99 -5.63 4.08 5.12
CA ALA A 99 -5.40 2.84 4.39
C ALA A 99 -4.63 1.84 5.25
N ALA A 100 -3.61 2.34 5.97
CA ALA A 100 -2.85 1.48 6.86
C ALA A 100 -3.74 0.85 7.93
N ILE A 101 -4.63 1.65 8.52
CA ILE A 101 -5.62 1.11 9.47
C ILE A 101 -6.47 0.01 8.81
N ALA A 102 -6.97 0.28 7.60
CA ALA A 102 -7.80 -0.70 6.89
C ALA A 102 -7.04 -1.97 6.54
N TYR A 103 -5.74 -1.84 6.25
CA TYR A 103 -4.95 -3.05 6.00
C TYR A 103 -4.86 -3.92 7.25
N GLY A 104 -4.96 -3.30 8.42
CA GLY A 104 -4.84 -4.03 9.68
C GLY A 104 -3.71 -3.64 10.62
N ALA A 105 -3.07 -2.50 10.37
CA ALA A 105 -1.94 -2.10 11.18
C ALA A 105 -2.33 -2.03 12.66
N ASP A 106 -1.40 -2.43 13.53
CA ASP A 106 -1.55 -2.15 14.94
C ASP A 106 -1.07 -0.76 15.29
N GLU A 107 -0.09 -0.24 14.54
CA GLU A 107 0.63 0.99 14.85
C GLU A 107 0.97 1.66 13.52
N VAL A 108 0.89 2.99 13.49
CA VAL A 108 1.29 3.77 12.33
C VAL A 108 2.42 4.70 12.75
N ASP A 109 3.58 4.61 12.07
CA ASP A 109 4.66 5.58 12.22
C ASP A 109 4.56 6.57 11.06
N VAL A 110 4.14 7.80 11.34
CA VAL A 110 3.89 8.82 10.31
C VAL A 110 5.00 9.85 10.34
N VAL A 111 5.41 10.34 9.18
CA VAL A 111 6.51 11.32 9.13
C VAL A 111 5.97 12.73 9.34
N PHE A 112 6.51 13.38 10.34
CA PHE A 112 6.20 14.77 10.65
C PHE A 112 6.59 15.67 9.48
N PRO A 113 5.85 16.74 9.20
CA PRO A 113 6.28 17.63 8.10
C PRO A 113 7.42 18.56 8.52
N TYR A 114 8.64 17.97 8.51
CA TYR A 114 9.79 18.61 9.12
C TYR A 114 10.31 19.75 8.23
N ARG A 115 10.28 19.57 6.90
CA ARG A 115 10.70 20.68 6.03
C ARG A 115 9.78 21.88 6.18
N ALA A 116 8.47 21.65 6.34
CA ALA A 116 7.57 22.78 6.54
C ALA A 116 7.89 23.48 7.86
N LEU A 117 8.28 22.72 8.89
CA LEU A 117 8.61 23.37 10.15
C LEU A 117 9.87 24.21 9.99
N MET A 118 10.86 23.67 9.29
CA MET A 118 12.11 24.40 9.06
C MET A 118 11.86 25.65 8.24
N ALA A 119 10.85 25.62 7.39
CA ALA A 119 10.44 26.77 6.58
C ALA A 119 9.60 27.77 7.38
N GLY A 120 9.26 27.45 8.62
CA GLY A 120 8.52 28.34 9.48
C GLY A 120 7.06 27.99 9.71
N ASN A 121 6.61 26.82 9.26
CA ASN A 121 5.22 26.43 9.45
C ASN A 121 5.15 25.50 10.65
N GLU A 122 4.80 26.06 11.83
CA GLU A 122 4.59 25.23 13.02
C GLU A 122 3.19 24.62 13.08
N GLN A 123 2.21 25.23 12.40
CA GLN A 123 0.84 24.78 12.53
C GLN A 123 0.60 23.48 11.76
N VAL A 124 1.21 23.31 10.59
CA VAL A 124 0.85 22.16 9.78
C VAL A 124 1.27 20.86 10.46
N GLY A 125 2.42 20.86 11.13
CA GLY A 125 2.84 19.66 11.86
C GLY A 125 1.84 19.29 12.94
N PHE A 126 1.33 20.30 13.64
CA PHE A 126 0.29 20.05 14.63
C PHE A 126 -0.95 19.45 13.96
N ASP A 127 -1.45 20.11 12.92
CA ASP A 127 -2.69 19.67 12.29
C ASP A 127 -2.54 18.30 11.66
N LEU A 128 -1.35 18.02 11.10
CA LEU A 128 -1.14 16.74 10.41
C LEU A 128 -1.10 15.61 11.42
N VAL A 129 -0.29 15.76 12.47
CA VAL A 129 -0.24 14.73 13.53
C VAL A 129 -1.62 14.54 14.16
N LYS A 130 -2.35 15.63 14.39
CA LYS A 130 -3.64 15.49 15.06
C LYS A 130 -4.64 14.74 14.21
N ALA A 131 -4.70 15.05 12.90
CA ALA A 131 -5.60 14.34 12.00
C ALA A 131 -5.31 12.84 11.97
N CYS A 132 -4.02 12.47 11.91
CA CYS A 132 -3.65 11.07 11.86
C CYS A 132 -3.88 10.39 13.20
N LYS A 133 -3.65 11.12 14.29
CA LYS A 133 -3.95 10.59 15.62
C LYS A 133 -5.44 10.33 15.75
N GLU A 134 -6.27 11.22 15.24
CA GLU A 134 -7.70 11.00 15.35
C GLU A 134 -8.12 9.69 14.68
N ALA A 135 -7.63 9.44 13.46
CA ALA A 135 -7.96 8.20 12.77
C ALA A 135 -7.42 6.98 13.52
N CYS A 136 -6.16 7.04 13.95
CA CYS A 136 -5.57 5.94 14.69
C CYS A 136 -6.31 5.65 15.99
N ALA A 137 -6.57 6.68 16.80
CA ALA A 137 -7.21 6.44 18.09
C ALA A 137 -8.59 5.83 17.90
N ALA A 138 -9.32 6.23 16.84
CA ALA A 138 -10.64 5.68 16.60
C ALA A 138 -10.58 4.20 16.22
N ALA A 139 -9.41 3.71 15.80
CA ALA A 139 -9.20 2.31 15.47
C ALA A 139 -8.35 1.56 16.50
N ASN A 140 -8.09 2.17 17.67
CA ASN A 140 -7.25 1.56 18.70
C ASN A 140 -5.88 1.21 18.11
N VAL A 141 -5.36 2.11 17.29
CA VAL A 141 -4.05 2.03 16.65
C VAL A 141 -3.16 3.09 17.29
N LEU A 142 -1.94 2.71 17.66
CA LEU A 142 -1.00 3.68 18.19
C LEU A 142 -0.35 4.47 17.07
N LEU A 143 -0.07 5.74 17.32
CA LEU A 143 0.58 6.63 16.36
C LEU A 143 1.96 7.03 16.86
N LYS A 144 3.00 6.66 16.10
CA LYS A 144 4.34 7.20 16.31
C LYS A 144 4.58 8.31 15.30
N VAL A 145 5.29 9.36 15.73
CA VAL A 145 5.63 10.48 14.84
C VAL A 145 7.14 10.51 14.62
N ILE A 146 7.55 10.39 13.37
CA ILE A 146 8.96 10.49 12.96
C ILE A 146 9.32 11.93 12.68
N ILE A 147 10.31 12.47 13.40
CA ILE A 147 10.58 13.91 13.21
C ILE A 147 11.80 14.17 12.32
N GLU A 148 12.55 13.13 11.96
CA GLU A 148 13.72 13.20 11.07
C GLU A 148 14.80 14.11 11.66
N THR A 149 15.34 13.66 12.80
CA THR A 149 16.33 14.47 13.52
C THR A 149 17.54 14.79 12.66
N GLY A 150 17.92 13.89 11.77
CA GLY A 150 19.12 14.13 10.98
C GLY A 150 18.96 15.18 9.91
N GLU A 151 17.72 15.54 9.58
CA GLU A 151 17.45 16.67 8.71
C GLU A 151 17.14 17.93 9.50
N LEU A 152 16.44 17.82 10.65
CA LEU A 152 16.25 18.99 11.50
C LEU A 152 17.58 19.56 11.97
N LYS A 153 18.49 18.69 12.43
CA LYS A 153 19.86 19.01 12.82
C LYS A 153 19.98 19.83 14.10
N ASP A 154 19.36 21.01 14.12
CA ASP A 154 19.52 21.92 15.24
CA ASP A 154 19.52 21.92 15.24
C ASP A 154 18.68 21.46 16.42
N GLU A 155 19.27 21.53 17.62
CA GLU A 155 18.60 21.05 18.83
C GLU A 155 17.27 21.75 19.05
N ALA A 156 17.20 23.05 18.75
CA ALA A 156 15.96 23.79 18.97
C ALA A 156 14.84 23.27 18.08
N LEU A 157 15.14 22.95 16.82
CA LEU A 157 14.11 22.39 15.94
C LEU A 157 13.70 20.99 16.38
N ILE A 158 14.68 20.19 16.82
CA ILE A 158 14.37 18.84 17.32
C ILE A 158 13.43 18.91 18.52
N ARG A 159 13.70 19.84 19.45
CA ARG A 159 12.79 20.05 20.57
C ARG A 159 11.44 20.53 20.09
N LYS A 160 11.40 21.49 19.16
CA LYS A 160 10.13 22.04 18.70
C LYS A 160 9.27 20.97 18.03
N ALA A 161 9.86 20.20 17.13
CA ALA A 161 9.12 19.14 16.46
C ALA A 161 8.59 18.10 17.45
N SER A 162 9.43 17.67 18.40
CA SER A 162 8.96 16.76 19.45
C SER A 162 7.80 17.38 20.23
N GLU A 163 7.91 18.64 20.61
CA GLU A 163 6.88 19.28 21.41
C GLU A 163 5.57 19.35 20.64
N ILE A 164 5.62 19.79 19.37
CA ILE A 164 4.41 19.90 18.57
C ILE A 164 3.76 18.52 18.42
N SER A 165 4.58 17.50 18.14
CA SER A 165 4.07 16.14 17.97
C SER A 165 3.34 15.66 19.23
N ILE A 166 3.97 15.84 20.40
CA ILE A 166 3.34 15.49 21.68
C ILE A 166 2.03 16.25 21.89
N LYS A 167 2.04 17.59 21.69
CA LYS A 167 0.81 18.36 21.90
C LYS A 167 -0.30 17.91 20.96
N ALA A 168 0.07 17.43 19.77
CA ALA A 168 -0.92 17.01 18.80
C ALA A 168 -1.35 15.55 19.00
N GLY A 169 -0.73 14.81 19.92
CA GLY A 169 -1.27 13.51 20.29
C GLY A 169 -0.42 12.30 19.99
N ALA A 170 0.86 12.51 19.68
CA ALA A 170 1.76 11.39 19.40
C ALA A 170 1.78 10.43 20.57
N ASP A 171 1.68 9.14 20.28
CA ASP A 171 1.89 8.11 21.29
C ASP A 171 3.35 7.75 21.47
N PHE A 172 4.17 7.95 20.43
CA PHE A 172 5.61 7.82 20.44
C PHE A 172 6.19 8.96 19.65
N ILE A 173 7.41 9.38 19.98
CA ILE A 173 8.19 10.20 19.06
C ILE A 173 9.40 9.39 18.61
N LYS A 174 9.65 9.40 17.30
CA LYS A 174 10.64 8.54 16.67
C LYS A 174 11.65 9.42 15.97
N THR A 175 12.95 9.05 16.05
CA THR A 175 13.97 9.95 15.55
C THR A 175 13.91 10.10 14.03
N SER A 176 13.78 8.99 13.28
CA SER A 176 14.28 8.96 11.90
C SER A 176 13.49 7.99 11.02
N THR A 177 13.55 8.24 9.69
CA THR A 177 12.98 7.32 8.73
C THR A 177 13.91 6.18 8.36
N GLY A 178 15.22 6.36 8.53
CA GLY A 178 16.17 5.47 7.92
C GLY A 178 16.41 5.71 6.45
N LYS A 179 15.78 6.74 5.88
CA LYS A 179 15.86 6.99 4.44
C LYS A 179 16.65 8.25 4.13
N VAL A 180 17.22 8.87 5.14
CA VAL A 180 18.15 9.96 4.98
C VAL A 180 19.47 9.45 5.55
N ALA A 181 20.54 10.22 5.33
CA ALA A 181 21.88 9.76 5.70
C ALA A 181 22.03 9.64 7.21
N VAL A 182 21.63 10.66 7.96
CA VAL A 182 21.86 10.70 9.40
C VAL A 182 20.57 10.30 10.11
N ASN A 183 20.63 9.26 10.94
CA ASN A 183 19.44 8.83 11.65
C ASN A 183 19.63 8.96 13.15
N ALA A 184 19.28 7.95 13.94
CA ALA A 184 19.35 8.08 15.39
C ALA A 184 20.79 8.36 15.82
N THR A 185 20.97 9.35 16.69
CA THR A 185 22.23 9.52 17.41
C THR A 185 21.94 9.61 18.91
N PRO A 186 22.91 9.26 19.75
CA PRO A 186 22.69 9.41 21.19
C PRO A 186 22.31 10.84 21.59
N GLU A 187 22.84 11.84 20.91
CA GLU A 187 22.52 13.22 21.27
C GLU A 187 21.08 13.56 20.87
N SER A 188 20.65 13.14 19.68
CA SER A 188 19.26 13.35 19.28
C SER A 188 18.31 12.65 20.23
N ALA A 189 18.65 11.42 20.61
CA ALA A 189 17.84 10.65 21.55
C ALA A 189 17.70 11.39 22.88
N ARG A 190 18.82 11.90 23.41
CA ARG A 190 18.76 12.65 24.67
C ARG A 190 17.84 13.87 24.58
N ILE A 191 17.94 14.64 23.49
CA ILE A 191 17.13 15.84 23.34
C ILE A 191 15.65 15.48 23.35
N MET A 192 15.27 14.44 22.59
CA MET A 192 13.85 14.11 22.50
C MET A 192 13.35 13.52 23.80
N MET A 193 14.17 12.73 24.49
CA MET A 193 13.72 12.19 25.76
C MET A 193 13.63 13.28 26.81
N GLU A 194 14.52 14.28 26.73
CA GLU A 194 14.39 15.42 27.63
C GLU A 194 13.10 16.20 27.38
N VAL A 195 12.63 16.24 26.13
CA VAL A 195 11.33 16.85 25.87
C VAL A 195 10.21 16.04 26.55
N ILE A 196 10.23 14.71 26.41
CA ILE A 196 9.27 13.88 27.14
C ILE A 196 9.31 14.21 28.62
N ARG A 197 10.52 14.30 29.18
CA ARG A 197 10.69 14.58 30.60
C ARG A 197 10.15 15.95 30.99
N ASP A 198 10.54 16.99 30.25
CA ASP A 198 10.22 18.36 30.65
C ASP A 198 8.74 18.64 30.51
N MET A 199 8.11 18.03 29.52
CA MET A 199 6.67 18.17 29.35
C MET A 199 5.88 17.33 30.34
N GLY A 200 6.53 16.38 30.99
CA GLY A 200 5.86 15.51 31.93
C GLY A 200 5.00 14.43 31.33
N VAL A 201 5.28 14.00 30.10
CA VAL A 201 4.37 13.13 29.36
C VAL A 201 4.88 11.69 29.30
N GLU A 202 5.80 11.29 30.19
CA GLU A 202 6.42 9.99 30.03
C GLU A 202 5.45 8.83 30.19
N LYS A 203 4.31 9.05 30.88
CA LYS A 203 3.30 7.99 30.97
C LYS A 203 2.59 7.73 29.66
N THR A 204 2.44 8.76 28.81
CA THR A 204 1.65 8.62 27.59
C THR A 204 2.47 8.68 26.30
N VAL A 205 3.76 9.00 26.33
CA VAL A 205 4.54 9.16 25.11
C VAL A 205 5.78 8.30 25.23
N GLY A 206 6.00 7.38 24.27
CA GLY A 206 7.19 6.58 24.24
C GLY A 206 8.25 7.20 23.33
N PHE A 207 9.43 6.60 23.38
CA PHE A 207 10.54 7.02 22.54
C PHE A 207 11.05 5.87 21.68
N LYS A 208 11.39 6.19 20.43
CA LYS A 208 11.86 5.18 19.49
C LYS A 208 13.04 5.71 18.67
N PRO A 209 14.27 5.36 19.04
CA PRO A 209 15.40 5.62 18.14
C PRO A 209 15.29 4.68 16.96
N ALA A 210 15.53 5.21 15.75
CA ALA A 210 15.40 4.39 14.56
C ALA A 210 16.59 4.56 13.64
N ALA A 211 17.02 3.43 13.06
CA ALA A 211 18.01 3.33 11.98
C ALA A 211 19.45 3.59 12.43
N GLY A 212 19.66 4.20 13.59
CA GLY A 212 21.02 4.47 14.01
C GLY A 212 21.62 3.48 15.00
N VAL A 213 20.81 2.55 15.52
CA VAL A 213 21.27 1.61 16.54
C VAL A 213 21.62 0.30 15.85
N ARG A 214 22.90 -0.08 15.89
CA ARG A 214 23.39 -1.18 15.07
C ARG A 214 23.98 -2.34 15.86
N THR A 215 24.48 -2.10 17.06
CA THR A 215 25.17 -3.12 17.84
C THR A 215 24.56 -3.25 19.23
N ALA A 216 24.86 -4.37 19.89
CA ALA A 216 24.42 -4.55 21.26
C ALA A 216 24.94 -3.43 22.15
N GLU A 217 26.17 -2.96 21.89
CA GLU A 217 26.71 -1.85 22.66
C GLU A 217 25.90 -0.57 22.47
N ASP A 218 25.58 -0.24 21.21
CA ASP A 218 24.70 0.90 20.95
C ASP A 218 23.42 0.80 21.77
N ALA A 219 22.73 -0.33 21.67
CA ALA A 219 21.43 -0.48 22.31
C ALA A 219 21.53 -0.28 23.82
N GLN A 220 22.63 -0.71 24.43
CA GLN A 220 22.79 -0.52 25.86
C GLN A 220 22.90 0.96 26.20
N LYS A 221 23.65 1.70 25.38
CA LYS A 221 23.81 3.14 25.58
C LYS A 221 22.46 3.85 25.49
N TYR A 222 21.64 3.50 24.49
CA TYR A 222 20.35 4.16 24.35
C TYR A 222 19.43 3.86 25.52
N LEU A 223 19.35 2.59 25.94
CA LEU A 223 18.52 2.25 27.09
C LEU A 223 19.03 2.89 28.36
N ALA A 224 20.34 3.11 28.47
CA ALA A 224 20.87 3.79 29.65
C ALA A 224 20.32 5.20 29.77
N ILE A 225 20.07 5.88 28.64
CA ILE A 225 19.48 7.21 28.70
C ILE A 225 18.09 7.15 29.29
N ALA A 226 17.28 6.19 28.83
CA ALA A 226 15.94 6.02 29.35
C ALA A 226 15.94 5.67 30.84
N ASP A 227 16.84 4.76 31.25
CA ASP A 227 16.91 4.40 32.65
C ASP A 227 17.28 5.60 33.50
N GLU A 228 18.24 6.39 33.04
CA GLU A 228 18.70 7.55 33.80
C GLU A 228 17.61 8.60 33.93
N LEU A 229 16.85 8.82 32.85
CA LEU A 229 15.86 9.90 32.86
CA LEU A 229 15.86 9.91 32.87
C LEU A 229 14.57 9.50 33.57
N PHE A 230 14.12 8.25 33.39
CA PHE A 230 12.82 7.84 33.85
C PHE A 230 12.82 6.67 34.83
N GLY A 231 13.99 6.17 35.24
CA GLY A 231 14.01 4.96 36.05
C GLY A 231 14.05 3.71 35.18
N ALA A 232 14.67 2.65 35.72
CA ALA A 232 14.87 1.44 34.92
C ALA A 232 13.58 0.70 34.59
N ASP A 233 12.46 1.02 35.25
CA ASP A 233 11.18 0.36 34.98
C ASP A 233 10.37 1.00 33.87
N TRP A 234 10.79 2.14 33.35
CA TRP A 234 9.97 2.89 32.41
C TRP A 234 9.97 2.27 31.02
N ALA A 235 11.11 1.80 30.52
CA ALA A 235 11.22 1.40 29.11
C ALA A 235 10.62 0.03 28.86
N ASP A 236 9.29 -0.03 28.78
CA ASP A 236 8.57 -1.22 28.36
C ASP A 236 8.05 -1.03 26.93
N ALA A 237 7.33 -2.02 26.42
CA ALA A 237 6.94 -1.99 25.01
C ALA A 237 6.04 -0.79 24.68
N ARG A 238 5.28 -0.29 25.66
CA ARG A 238 4.45 0.87 25.39
C ARG A 238 5.25 2.18 25.39
N HIS A 239 6.49 2.18 25.91
CA HIS A 239 7.23 3.42 26.04
C HIS A 239 8.60 3.43 25.35
N TYR A 240 9.04 2.32 24.77
CA TYR A 240 10.36 2.29 24.13
C TYR A 240 10.39 1.21 23.06
N ARG A 241 10.91 1.55 21.88
CA ARG A 241 11.14 0.57 20.82
C ARG A 241 12.44 0.92 20.12
N PHE A 242 13.09 -0.10 19.58
CA PHE A 242 14.24 0.08 18.71
C PHE A 242 13.78 -0.16 17.28
N GLY A 243 13.77 0.90 16.48
CA GLY A 243 13.51 0.71 15.07
C GLY A 243 14.77 0.24 14.38
N ALA A 244 14.85 -1.06 14.04
CA ALA A 244 16.11 -1.61 13.58
C ALA A 244 15.89 -2.73 12.59
N SER A 245 16.68 -2.69 11.53
CA SER A 245 16.68 -3.69 10.47
C SER A 245 17.98 -4.48 10.43
N ASP A 246 18.85 -4.27 11.42
CA ASP A 246 20.21 -4.81 11.37
C ASP A 246 20.72 -5.23 12.76
N LEU A 247 20.01 -4.80 13.79
CA LEU A 247 20.49 -4.94 15.16
C LEU A 247 20.23 -6.33 15.73
N LEU A 248 19.16 -6.99 15.29
CA LEU A 248 18.75 -8.25 15.93
C LEU A 248 19.87 -9.27 15.98
N ALA A 249 20.60 -9.45 14.86
CA ALA A 249 21.69 -10.42 14.84
C ALA A 249 22.77 -10.07 15.88
N SER A 250 23.03 -8.78 16.09
CA SER A 250 24.02 -8.39 17.10
C SER A 250 23.56 -8.76 18.51
N LEU A 251 22.30 -8.49 18.83
CA LEU A 251 21.78 -8.83 20.16
C LEU A 251 21.77 -10.33 20.40
N LEU A 252 21.40 -11.10 19.37
CA LEU A 252 21.42 -12.56 19.52
C LEU A 252 22.83 -13.07 19.71
N LYS A 253 23.79 -12.44 19.03
CA LYS A 253 25.19 -12.82 19.25
C LYS A 253 25.62 -12.56 20.69
N ALA A 254 25.26 -11.39 21.23
CA ALA A 254 25.57 -11.10 22.63
C ALA A 254 24.91 -12.10 23.59
N LEU A 255 23.82 -12.74 23.18
CA LEU A 255 23.11 -13.69 24.02
C LEU A 255 23.53 -15.14 23.76
N GLY A 256 24.56 -15.36 22.96
CA GLY A 256 25.01 -16.71 22.67
C GLY A 256 24.14 -17.46 21.70
N HIS A 257 23.37 -16.77 20.86
CA HIS A 257 22.58 -17.41 19.82
C HIS A 257 22.99 -16.89 18.43
N ASP B 10 -11.63 3.02 -40.51
CA ASP B 10 -10.34 3.70 -40.42
C ASP B 10 -9.67 3.42 -39.07
N LEU B 11 -8.36 3.14 -39.12
CA LEU B 11 -7.59 2.98 -37.90
C LEU B 11 -7.62 4.24 -37.04
N LYS B 12 -7.87 5.41 -37.66
CA LYS B 12 -7.93 6.66 -36.91
C LYS B 12 -9.04 6.63 -35.88
N ALA B 13 -10.29 6.42 -36.34
CA ALA B 13 -11.41 6.48 -35.42
C ALA B 13 -11.33 5.39 -34.37
N SER B 14 -10.87 4.21 -34.77
CA SER B 14 -10.65 3.10 -33.84
C SER B 14 -9.66 3.46 -32.73
N SER B 15 -8.55 4.10 -33.10
CA SER B 15 -7.47 4.36 -32.15
C SER B 15 -7.85 5.47 -31.18
N LEU B 16 -8.58 6.48 -31.65
CA LEU B 16 -9.09 7.51 -30.75
C LEU B 16 -10.11 6.92 -29.79
N ARG B 17 -11.00 6.04 -30.28
CA ARG B 17 -11.96 5.40 -29.40
C ARG B 17 -11.25 4.54 -28.35
N ALA B 18 -10.22 3.79 -28.77
CA ALA B 18 -9.46 2.99 -27.81
C ALA B 18 -8.77 3.88 -26.77
N LEU B 19 -8.13 4.95 -27.23
CA LEU B 19 -7.44 5.83 -26.30
C LEU B 19 -8.37 6.33 -25.19
N LYS B 20 -9.59 6.72 -25.57
CA LYS B 20 -10.55 7.25 -24.61
C LYS B 20 -11.11 6.18 -23.68
N LEU B 21 -10.90 4.90 -24.00
CA LEU B 21 -11.29 3.78 -23.15
C LEU B 21 -10.11 3.18 -22.38
N MET B 22 -8.95 3.81 -22.43
CA MET B 22 -7.77 3.15 -21.89
C MET B 22 -7.71 3.28 -20.37
N ASP B 23 -7.46 2.15 -19.68
CA ASP B 23 -6.94 2.15 -18.32
C ASP B 23 -5.42 2.20 -18.42
N LEU B 24 -4.84 3.43 -18.41
CA LEU B 24 -3.39 3.54 -18.63
C LEU B 24 -2.61 3.04 -17.39
N THR B 25 -1.71 2.09 -17.57
CA THR B 25 -1.28 1.28 -16.43
C THR B 25 0.23 1.39 -16.21
N THR B 26 0.64 1.45 -14.94
CA THR B 26 1.99 1.05 -14.55
C THR B 26 1.91 0.22 -13.27
N LEU B 27 2.36 -1.03 -13.36
CA LEU B 27 2.38 -1.94 -12.21
C LEU B 27 3.74 -2.63 -12.29
N ASN B 28 4.76 -1.90 -11.86
CA ASN B 28 6.15 -2.34 -11.90
C ASN B 28 6.74 -2.39 -10.50
N ASP B 29 7.65 -3.35 -10.29
CA ASP B 29 8.44 -3.37 -9.05
C ASP B 29 9.29 -2.11 -8.90
N ASP B 30 9.63 -1.43 -9.99
CA ASP B 30 10.41 -0.21 -9.94
C ASP B 30 9.56 1.07 -9.85
N ASP B 31 8.24 0.96 -9.66
CA ASP B 31 7.39 2.12 -9.62
C ASP B 31 7.75 3.06 -8.46
N THR B 32 7.70 4.35 -8.74
CA THR B 32 7.95 5.39 -7.77
C THR B 32 6.89 6.47 -7.93
N ASP B 33 6.81 7.36 -6.94
CA ASP B 33 5.98 8.55 -7.07
C ASP B 33 6.24 9.26 -8.39
N GLU B 34 7.53 9.40 -8.76
CA GLU B 34 7.88 10.15 -9.97
C GLU B 34 7.32 9.47 -11.22
N LYS B 35 7.43 8.13 -11.28
CA LYS B 35 6.91 7.39 -12.42
C LYS B 35 5.40 7.49 -12.51
N VAL B 36 4.71 7.53 -11.36
CA VAL B 36 3.26 7.68 -11.39
C VAL B 36 2.87 9.10 -11.79
N ILE B 37 3.57 10.10 -11.28
CA ILE B 37 3.29 11.46 -11.72
C ILE B 37 3.46 11.57 -13.23
N ALA B 38 4.53 10.98 -13.77
CA ALA B 38 4.72 10.97 -15.22
C ALA B 38 3.57 10.24 -15.92
N LEU B 39 3.06 9.16 -15.32
CA LEU B 39 1.95 8.44 -15.92
C LEU B 39 0.69 9.31 -15.95
N CYS B 40 0.46 10.10 -14.88
CA CYS B 40 -0.69 11.01 -14.89
C CYS B 40 -0.56 12.02 -16.02
N HIS B 41 0.65 12.55 -16.23
CA HIS B 41 0.87 13.46 -17.33
C HIS B 41 0.57 12.80 -18.67
N GLN B 42 0.97 11.54 -18.80
CA GLN B 42 0.81 10.82 -20.06
C GLN B 42 -0.66 10.55 -20.35
N ALA B 43 -1.47 10.40 -19.29
CA ALA B 43 -2.90 10.15 -19.45
C ALA B 43 -3.65 11.33 -20.03
N LYS B 44 -3.12 12.55 -19.86
CA LYS B 44 -3.64 13.75 -20.51
C LYS B 44 -2.92 13.88 -21.84
N THR B 45 -3.44 13.16 -22.85
CA THR B 45 -2.79 13.09 -24.17
C THR B 45 -3.16 14.27 -25.07
N PRO B 46 -2.40 14.50 -26.15
CA PRO B 46 -2.69 15.65 -27.02
C PRO B 46 -4.02 15.57 -27.77
N VAL B 47 -4.70 14.41 -27.77
CA VAL B 47 -5.98 14.25 -28.44
C VAL B 47 -7.10 13.93 -27.47
N GLY B 48 -6.83 13.90 -26.17
CA GLY B 48 -7.86 13.65 -25.19
C GLY B 48 -7.34 12.86 -24.01
N ASN B 49 -8.19 12.63 -23.01
CA ASN B 49 -7.77 11.90 -21.81
C ASN B 49 -8.16 10.44 -21.93
N THR B 50 -7.31 9.56 -21.37
CA THR B 50 -7.68 8.17 -21.13
C THR B 50 -8.83 8.08 -20.13
N ALA B 51 -9.45 6.89 -20.06
CA ALA B 51 -10.55 6.70 -19.13
C ALA B 51 -10.05 6.72 -17.69
N ALA B 52 -8.89 6.14 -17.44
CA ALA B 52 -8.40 5.95 -16.09
C ALA B 52 -6.90 5.76 -16.14
N ILE B 53 -6.30 5.68 -14.96
CA ILE B 53 -4.97 5.12 -14.79
C ILE B 53 -5.10 3.94 -13.84
N VAL B 54 -4.17 2.99 -13.94
CA VAL B 54 -4.08 1.84 -13.04
C VAL B 54 -2.72 1.83 -12.39
N ILE B 55 -2.70 1.87 -11.05
CA ILE B 55 -1.47 1.97 -10.29
C ILE B 55 -1.62 1.13 -9.03
N TYR B 56 -0.49 0.86 -8.37
CA TYR B 56 -0.59 0.22 -7.07
C TYR B 56 -1.25 1.14 -6.06
N PRO B 57 -1.93 0.55 -5.06
CA PRO B 57 -2.72 1.38 -4.13
C PRO B 57 -1.94 2.50 -3.47
N ARG B 58 -0.69 2.27 -3.10
CA ARG B 58 0.04 3.30 -2.36
C ARG B 58 0.25 4.57 -3.15
N PHE B 59 0.10 4.53 -4.47
CA PHE B 59 0.30 5.74 -5.27
C PHE B 59 -0.98 6.50 -5.54
N ILE B 60 -2.11 6.03 -5.02
CA ILE B 60 -3.38 6.71 -5.29
C ILE B 60 -3.38 8.15 -4.81
N PRO B 61 -2.98 8.48 -3.57
CA PRO B 61 -3.11 9.89 -3.13
C PRO B 61 -2.31 10.87 -3.97
N ILE B 62 -1.04 10.57 -4.25
CA ILE B 62 -0.27 11.49 -5.09
C ILE B 62 -0.83 11.54 -6.51
N ALA B 63 -1.32 10.41 -7.03
CA ALA B 63 -1.90 10.43 -8.36
C ALA B 63 -3.13 11.33 -8.39
N ARG B 64 -3.98 11.22 -7.36
CA ARG B 64 -5.18 12.04 -7.27
C ARG B 64 -4.82 13.52 -7.31
N LYS B 65 -3.77 13.89 -6.56
CA LYS B 65 -3.35 15.30 -6.53
C LYS B 65 -2.83 15.74 -7.89
N THR B 66 -2.02 14.89 -8.53
CA THR B 66 -1.44 15.22 -9.82
C THR B 66 -2.51 15.36 -10.89
N LEU B 67 -3.48 14.44 -10.92
CA LEU B 67 -4.59 14.55 -11.87
C LEU B 67 -5.42 15.80 -11.62
N LYS B 68 -5.73 16.09 -10.36
CA LYS B 68 -6.48 17.31 -10.02
C LYS B 68 -5.72 18.56 -10.48
N GLU B 69 -4.42 18.64 -10.19
CA GLU B 69 -3.69 19.88 -10.43
C GLU B 69 -3.47 20.17 -11.91
N GLN B 70 -3.49 19.16 -12.78
CA GLN B 70 -3.42 19.38 -14.22
C GLN B 70 -4.80 19.52 -14.85
N GLY B 71 -5.85 19.61 -14.05
CA GLY B 71 -7.18 19.86 -14.57
C GLY B 71 -7.86 18.67 -15.20
N THR B 72 -7.50 17.45 -14.83
CA THR B 72 -8.14 16.24 -15.33
C THR B 72 -8.60 15.36 -14.17
N PRO B 73 -9.45 15.89 -13.27
CA PRO B 73 -10.00 15.04 -12.20
C PRO B 73 -10.90 13.92 -12.72
N GLU B 74 -11.41 14.05 -13.94
CA GLU B 74 -12.30 13.04 -14.48
C GLU B 74 -11.56 11.80 -14.93
N ILE B 75 -10.23 11.81 -14.99
CA ILE B 75 -9.46 10.60 -15.22
C ILE B 75 -9.55 9.76 -13.95
N ARG B 76 -10.19 8.59 -14.04
CA ARG B 76 -10.46 7.76 -12.88
C ARG B 76 -9.18 7.09 -12.39
N ILE B 77 -9.15 6.74 -11.11
CA ILE B 77 -8.00 6.05 -10.54
C ILE B 77 -8.41 4.62 -10.19
N ALA B 78 -7.83 3.67 -10.93
CA ALA B 78 -8.06 2.26 -10.68
C ALA B 78 -6.83 1.65 -10.02
N THR B 79 -7.05 0.57 -9.26
CA THR B 79 -5.95 -0.09 -8.61
C THR B 79 -6.24 -1.59 -8.57
N VAL B 80 -5.31 -2.34 -7.97
CA VAL B 80 -5.39 -3.81 -7.96
C VAL B 80 -5.28 -4.33 -6.54
N THR B 81 -6.03 -5.40 -6.24
CA THR B 81 -5.96 -6.06 -4.94
C THR B 81 -6.02 -7.57 -5.16
N ASN B 82 -5.65 -8.31 -4.11
CA ASN B 82 -5.45 -9.76 -4.21
C ASN B 82 -4.53 -10.10 -5.36
N PHE B 83 -3.54 -9.23 -5.58
CA PHE B 83 -2.81 -9.14 -6.83
C PHE B 83 -1.32 -9.41 -6.62
N PRO B 84 -0.67 -10.18 -7.53
CA PRO B 84 -1.30 -10.77 -8.71
C PRO B 84 -1.79 -12.20 -8.52
N HIS B 85 -1.61 -12.71 -7.29
CA HIS B 85 -1.67 -14.15 -7.04
C HIS B 85 -3.07 -14.73 -7.14
N GLY B 86 -4.10 -13.97 -6.79
CA GLY B 86 -5.44 -14.54 -6.73
C GLY B 86 -5.56 -15.62 -5.68
N ASN B 87 -4.97 -15.41 -4.52
CA ASN B 87 -5.11 -16.41 -3.46
C ASN B 87 -6.56 -16.42 -2.95
N ASP B 88 -6.91 -17.45 -2.20
CA ASP B 88 -8.31 -17.64 -1.81
C ASP B 88 -8.57 -17.25 -0.36
N ASP B 89 -7.77 -16.33 0.17
CA ASP B 89 -7.98 -15.82 1.52
C ASP B 89 -8.82 -14.55 1.39
N ILE B 90 -10.10 -14.67 1.74
CA ILE B 90 -11.02 -13.57 1.59
C ILE B 90 -10.68 -12.47 2.57
N ASP B 91 -10.19 -12.83 3.77
CA ASP B 91 -9.88 -11.78 4.74
C ASP B 91 -8.80 -10.86 4.18
N ILE B 92 -7.78 -11.45 3.56
CA ILE B 92 -6.68 -10.67 2.96
C ILE B 92 -7.21 -9.84 1.80
N ALA B 93 -7.91 -10.49 0.86
CA ALA B 93 -8.44 -9.77 -0.30
C ALA B 93 -9.35 -8.62 0.13
N LEU B 94 -10.18 -8.83 1.17
CA LEU B 94 -11.08 -7.77 1.60
C LEU B 94 -10.33 -6.66 2.31
N ALA B 95 -9.33 -7.00 3.14
CA ALA B 95 -8.53 -5.96 3.79
C ALA B 95 -7.83 -5.08 2.76
N GLU B 96 -7.30 -5.68 1.69
CA GLU B 96 -6.62 -4.93 0.65
C GLU B 96 -7.59 -4.05 -0.10
N THR B 97 -8.78 -4.56 -0.35
CA THR B 97 -9.80 -3.78 -1.03
C THR B 97 -10.25 -2.61 -0.16
N ARG B 98 -10.42 -2.83 1.15
CA ARG B 98 -10.81 -1.70 2.00
C ARG B 98 -9.70 -0.65 2.12
N ALA B 99 -8.43 -1.08 2.08
CA ALA B 99 -7.33 -0.13 2.05
C ALA B 99 -7.32 0.67 0.75
N ALA B 100 -7.53 -0.01 -0.38
CA ALA B 100 -7.59 0.71 -1.65
C ALA B 100 -8.69 1.77 -1.63
N ILE B 101 -9.84 1.44 -1.03
CA ILE B 101 -10.93 2.39 -0.92
C ILE B 101 -10.51 3.58 -0.07
N ALA B 102 -9.83 3.31 1.05
CA ALA B 102 -9.40 4.35 1.98
C ALA B 102 -8.32 5.23 1.37
N TYR B 103 -7.48 4.65 0.51
CA TYR B 103 -6.50 5.46 -0.21
C TYR B 103 -7.17 6.46 -1.14
N GLY B 104 -8.35 6.10 -1.64
CA GLY B 104 -9.05 6.94 -2.58
C GLY B 104 -9.36 6.34 -3.93
N ALA B 105 -9.30 5.01 -4.09
CA ALA B 105 -9.51 4.42 -5.41
C ALA B 105 -10.91 4.75 -5.94
N ASP B 106 -11.02 5.04 -7.25
CA ASP B 106 -12.33 5.06 -7.89
C ASP B 106 -12.79 3.67 -8.28
N GLU B 107 -11.83 2.79 -8.56
CA GLU B 107 -12.10 1.44 -9.03
C GLU B 107 -11.08 0.50 -8.44
N VAL B 108 -11.51 -0.73 -8.20
CA VAL B 108 -10.63 -1.77 -7.70
C VAL B 108 -10.74 -2.96 -8.64
N ASP B 109 -9.61 -3.40 -9.21
CA ASP B 109 -9.54 -4.63 -10.01
C ASP B 109 -8.97 -5.70 -9.10
N VAL B 110 -9.82 -6.63 -8.63
CA VAL B 110 -9.41 -7.68 -7.71
C VAL B 110 -9.14 -8.96 -8.51
N VAL B 111 -8.14 -9.74 -8.10
CA VAL B 111 -7.88 -11.03 -8.76
C VAL B 111 -8.78 -12.11 -8.18
N PHE B 112 -9.56 -12.75 -9.05
CA PHE B 112 -10.39 -13.90 -8.72
C PHE B 112 -9.53 -15.05 -8.23
N PRO B 113 -10.02 -15.86 -7.27
CA PRO B 113 -9.20 -16.98 -6.82
C PRO B 113 -9.27 -18.13 -7.83
N TYR B 114 -8.57 -17.95 -8.95
CA TYR B 114 -8.66 -18.89 -10.06
C TYR B 114 -8.03 -20.26 -9.77
N ARG B 115 -6.95 -20.32 -8.99
CA ARG B 115 -6.38 -21.63 -8.68
C ARG B 115 -7.33 -22.44 -7.81
N ALA B 116 -8.05 -21.77 -6.92
CA ALA B 116 -9.06 -22.47 -6.13
C ALA B 116 -10.13 -23.06 -7.04
N LEU B 117 -10.58 -22.29 -8.03
CA LEU B 117 -11.54 -22.80 -8.99
C LEU B 117 -10.98 -24.01 -9.73
N MET B 118 -9.72 -23.93 -10.15
CA MET B 118 -9.14 -25.06 -10.88
C MET B 118 -9.08 -26.29 -9.98
N ALA B 119 -8.98 -26.09 -8.67
CA ALA B 119 -8.97 -27.19 -7.72
C ALA B 119 -10.37 -27.58 -7.27
N GLY B 120 -11.41 -27.10 -7.92
CA GLY B 120 -12.75 -27.57 -7.66
C GLY B 120 -13.58 -26.74 -6.72
N ASN B 121 -13.08 -25.61 -6.24
CA ASN B 121 -13.81 -24.78 -5.28
C ASN B 121 -14.41 -23.55 -5.98
N GLU B 122 -15.69 -23.64 -6.31
CA GLU B 122 -16.41 -22.52 -6.93
C GLU B 122 -16.95 -21.54 -5.90
N GLN B 123 -17.15 -21.97 -4.66
CA GLN B 123 -17.77 -21.11 -3.66
C GLN B 123 -16.83 -20.01 -3.19
N VAL B 124 -15.54 -20.31 -3.04
CA VAL B 124 -14.66 -19.29 -2.48
C VAL B 124 -14.54 -18.11 -3.42
N GLY B 125 -14.53 -18.38 -4.75
CA GLY B 125 -14.55 -17.29 -5.72
C GLY B 125 -15.80 -16.43 -5.61
N PHE B 126 -16.96 -17.07 -5.46
CA PHE B 126 -18.18 -16.29 -5.28
C PHE B 126 -18.08 -15.42 -4.02
N ASP B 127 -17.70 -16.04 -2.89
CA ASP B 127 -17.66 -15.29 -1.64
C ASP B 127 -16.62 -14.17 -1.69
N LEU B 128 -15.47 -14.40 -2.33
CA LEU B 128 -14.43 -13.38 -2.33
C LEU B 128 -14.86 -12.18 -3.15
N VAL B 129 -15.38 -12.42 -4.34
CA VAL B 129 -15.89 -11.33 -5.17
C VAL B 129 -17.00 -10.58 -4.45
N LYS B 130 -17.96 -11.32 -3.89
CA LYS B 130 -19.12 -10.67 -3.26
C LYS B 130 -18.71 -9.77 -2.11
N ALA B 131 -17.79 -10.25 -1.26
CA ALA B 131 -17.30 -9.46 -0.14
C ALA B 131 -16.65 -8.17 -0.63
N CYS B 132 -15.86 -8.26 -1.71
CA CYS B 132 -15.15 -7.08 -2.22
C CYS B 132 -16.13 -6.13 -2.89
N LYS B 133 -17.12 -6.70 -3.58
CA LYS B 133 -18.18 -5.89 -4.18
C LYS B 133 -18.96 -5.11 -3.13
N GLU B 134 -19.27 -5.76 -2.00
CA GLU B 134 -20.03 -5.09 -0.95
C GLU B 134 -19.31 -3.87 -0.43
N ALA B 135 -18.00 -3.99 -0.21
CA ALA B 135 -17.24 -2.86 0.30
C ALA B 135 -17.16 -1.76 -0.75
N CYS B 136 -16.89 -2.14 -1.99
CA CYS B 136 -16.77 -1.16 -3.07
C CYS B 136 -18.10 -0.45 -3.28
N ALA B 137 -19.18 -1.22 -3.40
CA ALA B 137 -20.49 -0.63 -3.66
C ALA B 137 -20.84 0.41 -2.60
N ALA B 138 -20.59 0.10 -1.32
CA ALA B 138 -20.87 1.02 -0.24
C ALA B 138 -20.05 2.31 -0.36
N ALA B 139 -18.90 2.24 -1.00
CA ALA B 139 -18.05 3.41 -1.16
C ALA B 139 -18.18 4.05 -2.54
N ASN B 140 -19.12 3.57 -3.37
CA ASN B 140 -19.31 4.10 -4.73
C ASN B 140 -18.06 3.89 -5.58
N VAL B 141 -17.48 2.72 -5.43
CA VAL B 141 -16.27 2.28 -6.12
C VAL B 141 -16.66 1.11 -7.00
N LEU B 142 -16.24 1.13 -8.28
CA LEU B 142 -16.51 0.01 -9.16
C LEU B 142 -15.52 -1.14 -8.90
N LEU B 143 -16.00 -2.37 -9.07
CA LEU B 143 -15.19 -3.56 -8.90
C LEU B 143 -15.03 -4.28 -10.24
N LYS B 144 -13.79 -4.40 -10.72
CA LYS B 144 -13.51 -5.29 -11.84
C LYS B 144 -12.89 -6.56 -11.29
N VAL B 145 -13.15 -7.71 -11.93
CA VAL B 145 -12.66 -9.00 -11.44
C VAL B 145 -11.73 -9.60 -12.50
N ILE B 146 -10.49 -9.85 -12.13
CA ILE B 146 -9.48 -10.45 -13.01
C ILE B 146 -9.55 -11.97 -12.87
N ILE B 147 -9.88 -12.68 -13.94
CA ILE B 147 -10.03 -14.14 -13.81
C ILE B 147 -8.78 -14.88 -14.25
N GLU B 148 -7.82 -14.20 -14.90
CA GLU B 148 -6.54 -14.76 -15.32
C GLU B 148 -6.74 -15.90 -16.35
N THR B 149 -7.22 -15.47 -17.52
CA THR B 149 -7.50 -16.41 -18.59
C THR B 149 -6.27 -17.21 -19.01
N GLY B 150 -5.09 -16.60 -18.94
CA GLY B 150 -3.90 -17.32 -19.38
C GLY B 150 -3.59 -18.52 -18.52
N GLU B 151 -4.00 -18.48 -17.24
CA GLU B 151 -3.78 -19.60 -16.33
C GLU B 151 -4.96 -20.55 -16.30
N LEU B 152 -6.18 -20.03 -16.44
CA LEU B 152 -7.34 -20.89 -16.57
C LEU B 152 -7.25 -21.77 -17.81
N LYS B 153 -6.85 -21.19 -18.94
CA LYS B 153 -6.60 -21.87 -20.22
C LYS B 153 -7.86 -22.40 -20.88
N ASP B 154 -8.59 -23.28 -20.19
CA ASP B 154 -9.71 -23.98 -20.84
C ASP B 154 -10.93 -23.07 -20.96
N GLU B 155 -11.61 -23.17 -22.09
CA GLU B 155 -12.78 -22.34 -22.34
C GLU B 155 -13.83 -22.51 -21.25
N ALA B 156 -14.05 -23.74 -20.79
CA ALA B 156 -15.08 -23.98 -19.78
C ALA B 156 -14.72 -23.27 -18.48
N LEU B 157 -13.45 -23.31 -18.09
CA LEU B 157 -13.03 -22.64 -16.87
C LEU B 157 -13.11 -21.14 -17.03
N ILE B 158 -12.77 -20.62 -18.22
CA ILE B 158 -12.89 -19.18 -18.44
C ILE B 158 -14.35 -18.77 -18.34
N ARG B 159 -15.24 -19.59 -18.91
CA ARG B 159 -16.66 -19.31 -18.79
C ARG B 159 -17.12 -19.36 -17.34
N LYS B 160 -16.68 -20.39 -16.60
CA LYS B 160 -17.18 -20.54 -15.23
C LYS B 160 -16.73 -19.38 -14.34
N ALA B 161 -15.45 -19.01 -14.40
CA ALA B 161 -14.95 -17.90 -13.60
C ALA B 161 -15.68 -16.61 -13.94
N SER B 162 -15.92 -16.39 -15.23
CA SER B 162 -16.70 -15.24 -15.65
C SER B 162 -18.10 -15.26 -15.05
N GLU B 163 -18.75 -16.42 -15.11
CA GLU B 163 -20.12 -16.56 -14.60
CA GLU B 163 -20.12 -16.54 -14.61
C GLU B 163 -20.19 -16.32 -13.11
N ILE B 164 -19.27 -16.94 -12.35
CA ILE B 164 -19.24 -16.79 -10.90
C ILE B 164 -19.01 -15.33 -10.52
N SER B 165 -18.06 -14.68 -11.20
CA SER B 165 -17.75 -13.28 -10.90
C SER B 165 -18.95 -12.39 -11.16
N ILE B 166 -19.63 -12.60 -12.28
CA ILE B 166 -20.84 -11.84 -12.60
C ILE B 166 -21.91 -12.07 -11.54
N LYS B 167 -22.17 -13.33 -11.19
CA LYS B 167 -23.18 -13.64 -10.18
C LYS B 167 -22.84 -13.02 -8.85
N ALA B 168 -21.56 -12.93 -8.51
CA ALA B 168 -21.12 -12.38 -7.22
C ALA B 168 -21.10 -10.85 -7.24
N GLY B 169 -21.33 -10.21 -8.37
CA GLY B 169 -21.50 -8.78 -8.43
C GLY B 169 -20.44 -8.01 -9.18
N ALA B 170 -19.64 -8.66 -10.03
CA ALA B 170 -18.58 -7.93 -10.73
C ALA B 170 -19.16 -6.81 -11.58
N ASP B 171 -18.51 -5.64 -11.58
CA ASP B 171 -18.95 -4.58 -12.47
C ASP B 171 -18.25 -4.65 -13.83
N PHE B 172 -17.05 -5.21 -13.85
CA PHE B 172 -16.30 -5.54 -15.05
C PHE B 172 -15.74 -6.93 -14.85
N ILE B 173 -15.56 -7.69 -15.93
CA ILE B 173 -14.66 -8.84 -15.90
C ILE B 173 -13.46 -8.51 -16.76
N LYS B 174 -12.27 -8.81 -16.24
CA LYS B 174 -11.00 -8.44 -16.84
C LYS B 174 -10.20 -9.71 -17.11
N THR B 175 -9.44 -9.73 -18.21
CA THR B 175 -8.86 -11.01 -18.61
C THR B 175 -7.69 -11.40 -17.71
N SER B 176 -6.84 -10.45 -17.34
CA SER B 176 -5.47 -10.80 -17.01
C SER B 176 -4.83 -9.82 -16.06
N THR B 177 -3.78 -10.28 -15.37
CA THR B 177 -3.01 -9.40 -14.50
C THR B 177 -1.85 -8.74 -15.22
N GLY B 178 -1.39 -9.28 -16.34
CA GLY B 178 -0.15 -8.84 -16.94
C GLY B 178 1.09 -9.39 -16.27
N LYS B 179 0.95 -10.33 -15.35
CA LYS B 179 2.10 -10.85 -14.64
C LYS B 179 2.37 -12.31 -14.95
N VAL B 180 1.56 -12.91 -15.83
CA VAL B 180 1.67 -14.32 -16.16
C VAL B 180 2.04 -14.42 -17.64
N ALA B 181 2.31 -15.65 -18.09
CA ALA B 181 2.88 -15.84 -19.43
C ALA B 181 1.94 -15.36 -20.52
N VAL B 182 0.64 -15.66 -20.40
CA VAL B 182 -0.35 -15.36 -21.42
C VAL B 182 -1.41 -14.47 -20.81
N ASN B 183 -1.68 -13.34 -21.47
CA ASN B 183 -2.66 -12.37 -21.00
C ASN B 183 -3.77 -12.27 -22.03
N ALA B 184 -4.28 -11.07 -22.31
CA ALA B 184 -5.41 -10.93 -23.22
C ALA B 184 -5.11 -11.59 -24.58
N THR B 185 -6.07 -12.34 -25.11
CA THR B 185 -6.08 -12.71 -26.51
C THR B 185 -7.47 -12.43 -27.07
N PRO B 186 -7.58 -12.26 -28.40
CA PRO B 186 -8.92 -12.07 -28.97
C PRO B 186 -9.83 -13.24 -28.71
N GLU B 187 -9.26 -14.44 -28.57
CA GLU B 187 -10.06 -15.64 -28.30
C GLU B 187 -10.64 -15.60 -26.89
N SER B 188 -9.77 -15.34 -25.89
CA SER B 188 -10.23 -15.18 -24.52
C SER B 188 -11.24 -14.05 -24.39
N ALA B 189 -11.02 -12.96 -25.13
CA ALA B 189 -11.92 -11.82 -25.06
C ALA B 189 -13.31 -12.18 -25.55
N ARG B 190 -13.38 -12.92 -26.66
CA ARG B 190 -14.67 -13.31 -27.19
C ARG B 190 -15.42 -14.23 -26.23
N ILE B 191 -14.71 -15.17 -25.61
CA ILE B 191 -15.35 -16.06 -24.64
C ILE B 191 -15.98 -15.25 -23.53
N MET B 192 -15.23 -14.31 -22.96
CA MET B 192 -15.75 -13.59 -21.81
C MET B 192 -16.89 -12.66 -22.20
N MET B 193 -16.79 -12.01 -23.36
CA MET B 193 -17.92 -11.20 -23.80
C MET B 193 -19.13 -12.06 -24.13
N GLU B 194 -18.94 -13.28 -24.67
CA GLU B 194 -20.07 -14.17 -24.88
C GLU B 194 -20.79 -14.49 -23.57
N VAL B 195 -20.04 -14.63 -22.47
CA VAL B 195 -20.69 -14.92 -21.21
C VAL B 195 -21.55 -13.73 -20.78
N ILE B 196 -21.02 -12.52 -20.96
CA ILE B 196 -21.80 -11.32 -20.65
C ILE B 196 -23.11 -11.32 -21.43
N ARG B 197 -23.02 -11.62 -22.74
CA ARG B 197 -24.23 -11.65 -23.56
C ARG B 197 -25.15 -12.80 -23.14
N ASP B 198 -24.59 -14.00 -22.97
CA ASP B 198 -25.41 -15.16 -22.65
C ASP B 198 -26.14 -14.98 -21.32
N MET B 199 -25.52 -14.29 -20.37
CA MET B 199 -26.20 -14.05 -19.11
C MET B 199 -27.08 -12.82 -19.16
N GLY B 200 -27.03 -12.07 -20.26
CA GLY B 200 -27.85 -10.88 -20.43
C GLY B 200 -27.54 -9.79 -19.42
N VAL B 201 -26.25 -9.59 -19.11
CA VAL B 201 -25.86 -8.56 -18.15
C VAL B 201 -25.04 -7.48 -18.85
N GLU B 202 -25.23 -7.31 -20.16
CA GLU B 202 -24.43 -6.31 -20.87
C GLU B 202 -24.68 -4.91 -20.33
N LYS B 203 -25.84 -4.64 -19.75
CA LYS B 203 -26.10 -3.30 -19.22
C LYS B 203 -25.27 -3.02 -17.97
N THR B 204 -24.99 -4.04 -17.16
CA THR B 204 -24.39 -3.85 -15.85
C THR B 204 -22.96 -4.36 -15.74
N VAL B 205 -22.43 -5.07 -16.76
CA VAL B 205 -21.10 -5.64 -16.68
C VAL B 205 -20.29 -5.26 -17.91
N GLY B 206 -19.11 -4.64 -17.67
CA GLY B 206 -18.17 -4.33 -18.72
C GLY B 206 -17.09 -5.38 -18.91
N PHE B 207 -16.35 -5.20 -19.98
CA PHE B 207 -15.26 -6.09 -20.36
C PHE B 207 -13.95 -5.33 -20.45
N LYS B 208 -12.87 -5.95 -19.94
CA LYS B 208 -11.55 -5.30 -19.98
C LYS B 208 -10.47 -6.30 -20.38
N PRO B 209 -10.01 -6.28 -21.64
CA PRO B 209 -8.79 -7.03 -21.97
C PRO B 209 -7.60 -6.31 -21.36
N ALA B 210 -6.67 -7.07 -20.81
CA ALA B 210 -5.53 -6.48 -20.15
C ALA B 210 -4.23 -7.14 -20.62
N ALA B 211 -3.24 -6.30 -20.91
CA ALA B 211 -1.83 -6.60 -21.04
C ALA B 211 -1.50 -7.27 -22.36
N GLY B 212 -2.47 -7.53 -23.22
CA GLY B 212 -2.18 -8.24 -24.47
C GLY B 212 -2.52 -7.43 -25.70
N VAL B 213 -2.79 -6.15 -25.51
CA VAL B 213 -3.18 -5.25 -26.60
C VAL B 213 -2.07 -4.22 -26.71
N ARG B 214 -1.22 -4.36 -27.72
CA ARG B 214 -0.05 -3.52 -27.81
C ARG B 214 0.01 -2.62 -29.04
N THR B 215 -0.82 -2.85 -30.05
CA THR B 215 -0.82 -2.05 -31.27
C THR B 215 -2.22 -1.57 -31.58
N ALA B 216 -2.29 -0.48 -32.37
CA ALA B 216 -3.59 0.03 -32.80
C ALA B 216 -4.37 -1.05 -33.54
N GLU B 217 -3.68 -1.87 -34.32
CA GLU B 217 -4.37 -2.93 -35.05
C GLU B 217 -5.02 -3.90 -34.09
N ASP B 218 -4.30 -4.30 -33.03
CA ASP B 218 -4.88 -5.11 -31.96
C ASP B 218 -6.14 -4.47 -31.40
N ALA B 219 -6.02 -3.21 -30.96
CA ALA B 219 -7.14 -2.54 -30.32
C ALA B 219 -8.37 -2.50 -31.22
N GLN B 220 -8.17 -2.35 -32.53
CA GLN B 220 -9.30 -2.38 -33.46
C GLN B 220 -9.98 -3.75 -33.45
N LYS B 221 -9.20 -4.83 -33.37
CA LYS B 221 -9.76 -6.18 -33.32
C LYS B 221 -10.64 -6.37 -32.08
N TYR B 222 -10.17 -5.93 -30.92
CA TYR B 222 -10.94 -6.15 -29.70
C TYR B 222 -12.23 -5.35 -29.70
N LEU B 223 -12.20 -4.13 -30.25
CA LEU B 223 -13.41 -3.33 -30.35
C LEU B 223 -14.36 -3.91 -31.39
N ALA B 224 -13.80 -4.46 -32.47
CA ALA B 224 -14.63 -5.14 -33.47
C ALA B 224 -15.45 -6.27 -32.84
N ILE B 225 -14.87 -6.99 -31.88
CA ILE B 225 -15.63 -8.04 -31.21
C ILE B 225 -16.76 -7.43 -30.38
N ALA B 226 -16.46 -6.38 -29.60
CA ALA B 226 -17.53 -5.76 -28.83
C ALA B 226 -18.65 -5.27 -29.74
N ASP B 227 -18.28 -4.61 -30.84
CA ASP B 227 -19.27 -4.07 -31.78
C ASP B 227 -20.11 -5.18 -32.40
N GLU B 228 -19.49 -6.29 -32.78
CA GLU B 228 -20.24 -7.41 -33.33
C GLU B 228 -21.21 -8.01 -32.31
N LEU B 229 -20.73 -8.24 -31.08
CA LEU B 229 -21.54 -8.93 -30.06
C LEU B 229 -22.68 -8.07 -29.56
N PHE B 230 -22.45 -6.76 -29.37
CA PHE B 230 -23.41 -5.91 -28.67
C PHE B 230 -23.88 -4.68 -29.45
N GLY B 231 -23.38 -4.45 -30.66
CA GLY B 231 -23.66 -3.19 -31.32
C GLY B 231 -22.57 -2.16 -31.09
N ALA B 232 -22.47 -1.21 -32.02
CA ALA B 232 -21.34 -0.30 -32.01
C ALA B 232 -21.42 0.70 -30.87
N ASP B 233 -22.59 0.86 -30.25
CA ASP B 233 -22.79 1.86 -29.20
C ASP B 233 -22.44 1.36 -27.80
N TRP B 234 -22.23 0.06 -27.62
CA TRP B 234 -22.16 -0.52 -26.28
C TRP B 234 -20.84 -0.19 -25.58
N ALA B 235 -19.73 -0.15 -26.31
CA ALA B 235 -18.40 -0.04 -25.72
C ALA B 235 -18.07 1.40 -25.31
N ASP B 236 -18.71 1.85 -24.23
CA ASP B 236 -18.35 3.13 -23.63
C ASP B 236 -17.50 2.91 -22.38
N ALA B 237 -17.18 3.99 -21.66
CA ALA B 237 -16.24 3.87 -20.56
C ALA B 237 -16.77 2.99 -19.43
N ARG B 238 -18.10 2.90 -19.28
CA ARG B 238 -18.67 2.02 -18.26
C ARG B 238 -18.66 0.56 -18.68
N HIS B 239 -18.51 0.27 -19.97
CA HIS B 239 -18.61 -1.12 -20.39
C HIS B 239 -17.35 -1.65 -21.07
N TYR B 240 -16.32 -0.84 -21.27
CA TYR B 240 -15.14 -1.32 -21.97
C TYR B 240 -13.91 -0.52 -21.55
N ARG B 241 -12.82 -1.23 -21.24
CA ARG B 241 -11.55 -0.59 -20.95
C ARG B 241 -10.41 -1.40 -21.56
N PHE B 242 -9.36 -0.70 -22.02
CA PHE B 242 -8.11 -1.34 -22.40
C PHE B 242 -7.12 -1.22 -21.24
N GLY B 243 -6.74 -2.37 -20.67
CA GLY B 243 -5.72 -2.44 -19.64
C GLY B 243 -4.38 -2.52 -20.33
N ALA B 244 -3.63 -1.42 -20.35
CA ALA B 244 -2.49 -1.35 -21.25
C ALA B 244 -1.40 -0.48 -20.64
N SER B 245 -0.18 -1.02 -20.65
CA SER B 245 1.04 -0.35 -20.22
C SER B 245 1.80 0.30 -21.35
N ASP B 246 1.73 -0.28 -22.55
CA ASP B 246 2.48 0.19 -23.72
C ASP B 246 1.64 0.10 -24.98
N LEU B 247 0.39 0.56 -24.90
CA LEU B 247 -0.45 0.69 -26.09
C LEU B 247 -0.63 2.14 -26.52
N LEU B 248 -0.50 3.09 -25.60
CA LEU B 248 -0.85 4.47 -25.91
C LEU B 248 0.03 5.06 -27.00
N ALA B 249 1.33 4.80 -26.95
CA ALA B 249 2.20 5.34 -27.99
C ALA B 249 1.78 4.86 -29.37
N SER B 250 1.38 3.60 -29.48
CA SER B 250 0.95 3.07 -30.78
C SER B 250 -0.35 3.74 -31.25
N LEU B 251 -1.28 4.01 -30.32
CA LEU B 251 -2.50 4.71 -30.70
C LEU B 251 -2.23 6.17 -31.11
N LEU B 252 -1.34 6.86 -30.39
CA LEU B 252 -1.05 8.25 -30.72
C LEU B 252 -0.32 8.38 -32.05
N LYS B 253 0.54 7.42 -32.38
CA LYS B 253 1.17 7.43 -33.70
C LYS B 253 0.14 7.22 -34.79
N ALA B 254 -0.79 6.27 -34.61
CA ALA B 254 -1.86 6.09 -35.58
C ALA B 254 -2.72 7.33 -35.74
N LEU B 255 -2.67 8.26 -34.79
CA LEU B 255 -3.37 9.53 -34.87
C LEU B 255 -2.43 10.68 -35.23
N GLY B 256 -1.18 10.39 -35.56
CA GLY B 256 -0.25 11.42 -35.97
C GLY B 256 0.43 12.19 -34.86
N HIS B 257 0.68 11.56 -33.72
CA HIS B 257 1.36 12.25 -32.61
C HIS B 257 2.57 11.48 -32.08
C1 EDO C . 10.13 3.63 10.89
C2 EDO C . 11.29 4.08 9.98
C FMT D . -2.49 11.95 24.37
O1 FMT D . -3.59 12.49 24.26
O2 FMT D . -1.73 11.66 23.43
C1 EDO E . -5.02 -4.83 -13.93
C2 EDO E . -3.86 -5.74 -14.31
MG MG F . 2.62 -21.84 -16.35
#